data_3ER7
#
_entry.id   3ER7
#
_cell.length_a   78.680
_cell.length_b   91.680
_cell.length_c   33.960
_cell.angle_alpha   90.000
_cell.angle_beta   90.000
_cell.angle_gamma   90.000
#
_symmetry.space_group_name_H-M   'P 21 21 2'
#
loop_
_entity.id
_entity.type
_entity.pdbx_description
1 polymer 'uncharacterized NTF2-like protein'
2 non-polymer 'CHLORIDE ION'
3 non-polymer DI(HYDROXYETHYL)ETHER
4 water water
#
_entity_poly.entity_id   1
_entity_poly.type   'polypeptide(L)'
_entity_poly.pdbx_seq_one_letter_code
;G(MSE)(MSE)NTTTLDRYFDLFDASRTDEKAFDDLISLFSDEITFVLNGQEQHGIDAWKQFVR(MSE)VFTANQDIKH
(MSE)YAGWVPSETGDT(MSE)ETRWAVCGKSADGSVFTQDGTDIARLNADGKIVYLANVPDDTA(MSE)FNQYND
;
_entity_poly.pdbx_strand_id   A,B
#
# COMPACT_ATOMS: atom_id res chain seq x y z
N THR A 6 11.30 18.59 -4.14
CA THR A 6 10.40 19.66 -3.57
C THR A 6 9.86 19.15 -2.22
N THR A 7 9.56 20.03 -1.27
CA THR A 7 9.12 19.57 0.06
C THR A 7 7.90 18.66 -0.06
N LEU A 8 6.94 19.02 -0.92
CA LEU A 8 5.75 18.19 -1.06
C LEU A 8 6.04 16.81 -1.66
N ASP A 9 6.99 16.73 -2.58
CA ASP A 9 7.35 15.45 -3.17
C ASP A 9 8.11 14.57 -2.19
N ARG A 10 8.74 15.18 -1.19
CA ARG A 10 9.49 14.39 -0.20
C ARG A 10 8.56 13.83 0.90
N TYR A 11 7.39 14.45 1.04
CA TYR A 11 6.50 14.14 2.13
C TYR A 11 6.14 12.68 2.28
N PHE A 12 5.62 12.06 1.22
CA PHE A 12 5.08 10.71 1.44
C PHE A 12 6.06 9.63 1.81
N ASP A 13 7.16 9.58 1.08
CA ASP A 13 8.17 8.60 1.39
C ASP A 13 8.79 8.87 2.77
N LEU A 14 8.99 10.15 3.15
CA LEU A 14 9.47 10.42 4.51
C LEU A 14 8.49 9.95 5.57
N PHE A 15 7.20 10.14 5.28
CA PHE A 15 6.17 9.77 6.26
C PHE A 15 6.31 8.27 6.51
N ASP A 16 6.32 7.47 5.45
CA ASP A 16 6.39 6.00 5.64
C ASP A 16 7.68 5.54 6.30
N ALA A 17 8.78 6.14 5.89
CA ALA A 17 10.09 5.79 6.46
C ALA A 17 10.20 6.19 7.93
N SER A 18 9.44 7.19 8.35
CA SER A 18 9.46 7.71 9.72
CA SER A 18 9.51 7.69 9.73
C SER A 18 8.99 6.66 10.76
N ARG A 19 8.25 5.65 10.30
CA ARG A 19 7.78 4.62 11.21
C ARG A 19 8.95 3.87 11.86
N THR A 20 10.02 3.70 11.10
CA THR A 20 11.16 2.92 11.58
C THR A 20 12.50 3.66 11.62
N ASP A 21 12.53 4.94 11.30
CA ASP A 21 13.81 5.67 11.30
C ASP A 21 13.62 7.09 11.82
N GLU A 22 14.32 7.41 12.91
CA GLU A 22 14.23 8.73 13.54
CA GLU A 22 14.23 8.73 13.53
C GLU A 22 14.78 9.83 12.62
N LYS A 23 15.75 9.48 11.77
CA LYS A 23 16.26 10.51 10.86
C LYS A 23 15.16 10.92 9.87
N ALA A 24 14.41 9.94 9.39
CA ALA A 24 13.30 10.23 8.48
C ALA A 24 12.24 11.08 9.21
N PHE A 25 11.92 10.76 10.47
CA PHE A 25 10.98 11.55 11.26
C PHE A 25 11.45 12.99 11.36
N ASP A 26 12.73 13.19 11.69
CA ASP A 26 13.27 14.56 11.80
C ASP A 26 13.20 15.31 10.46
N ASP A 27 13.52 14.63 9.36
CA ASP A 27 13.43 15.23 8.03
C ASP A 27 11.96 15.57 7.71
N LEU A 28 11.07 14.65 8.02
CA LEU A 28 9.65 14.90 7.81
C LEU A 28 9.19 16.20 8.54
N ILE A 29 9.49 16.28 9.82
CA ILE A 29 9.12 17.46 10.62
C ILE A 29 9.71 18.74 10.03
N SER A 30 10.94 18.65 9.46
CA SER A 30 11.61 19.81 8.90
C SER A 30 10.89 20.46 7.72
N LEU A 31 9.96 19.72 7.10
CA LEU A 31 9.26 20.23 5.91
C LEU A 31 8.21 21.28 6.27
N PHE A 32 7.84 21.32 7.56
CA PHE A 32 6.70 22.12 8.02
C PHE A 32 7.03 23.45 8.69
N SER A 33 6.12 24.39 8.49
CA SER A 33 6.16 25.64 9.23
C SER A 33 5.67 25.35 10.65
N ASP A 34 6.19 26.12 11.61
CA ASP A 34 5.68 26.02 12.98
C ASP A 34 4.18 26.42 13.04
N GLU A 35 3.69 27.14 12.01
CA GLU A 35 2.28 27.58 11.93
C GLU A 35 1.39 26.61 11.16
N ILE A 36 1.88 25.40 10.90
CA ILE A 36 1.09 24.42 10.15
C ILE A 36 -0.33 24.30 10.70
N THR A 37 -1.31 24.43 9.80
CA THR A 37 -2.70 24.10 10.09
C THR A 37 -2.98 22.81 9.30
N PHE A 38 -3.48 21.78 9.99
CA PHE A 38 -3.71 20.50 9.30
C PHE A 38 -5.09 19.95 9.64
N VAL A 39 -5.66 19.23 8.71
CA VAL A 39 -7.01 18.76 8.83
C VAL A 39 -7.04 17.24 8.64
N LEU A 40 -7.69 16.56 9.58
CA LEU A 40 -7.87 15.10 9.59
C LEU A 40 -9.32 14.81 9.89
N ASN A 41 -9.96 14.00 9.06
CA ASN A 41 -11.37 13.66 9.25
C ASN A 41 -12.24 14.92 9.37
N GLY A 42 -11.86 15.96 8.62
CA GLY A 42 -12.59 17.23 8.66
C GLY A 42 -12.41 18.05 9.93
N GLN A 43 -11.50 17.62 10.80
CA GLN A 43 -11.22 18.32 12.06
C GLN A 43 -9.86 19.00 12.03
N GLU A 44 -9.85 20.28 12.34
CA GLU A 44 -8.66 21.09 12.25
C GLU A 44 -7.75 21.13 13.51
N GLN A 45 -6.44 21.03 13.31
CA GLN A 45 -5.43 21.17 14.34
C GLN A 45 -4.37 22.17 13.93
N HIS A 46 -3.61 22.67 14.91
CA HIS A 46 -2.62 23.69 14.65
C HIS A 46 -1.32 23.44 15.37
N GLY A 47 -0.22 23.73 14.68
CA GLY A 47 1.11 23.72 15.28
C GLY A 47 1.89 22.46 15.10
N ILE A 48 3.20 22.59 15.17
CA ILE A 48 4.10 21.46 14.99
CA ILE A 48 4.11 21.44 15.00
C ILE A 48 4.00 20.42 16.12
N ASP A 49 3.71 20.85 17.35
CA ASP A 49 3.57 19.86 18.43
C ASP A 49 2.42 18.91 18.12
N ALA A 50 1.28 19.48 17.72
CA ALA A 50 0.13 18.67 17.39
C ALA A 50 0.45 17.75 16.20
N TRP A 51 1.19 18.28 15.23
CA TRP A 51 1.58 17.49 14.06
C TRP A 51 2.45 16.27 14.46
N LYS A 52 3.47 16.48 15.27
CA LYS A 52 4.29 15.40 15.77
C LYS A 52 3.46 14.34 16.51
N GLN A 53 2.53 14.79 17.33
CA GLN A 53 1.68 13.84 18.08
C GLN A 53 0.85 13.01 17.13
N PHE A 54 0.35 13.63 16.07
CA PHE A 54 -0.42 12.88 15.06
C PHE A 54 0.43 11.80 14.35
N VAL A 55 1.60 12.19 13.88
CA VAL A 55 2.45 11.23 13.20
C VAL A 55 2.79 10.06 14.14
N ARG A 56 3.12 10.35 15.39
CA ARG A 56 3.43 9.29 16.33
CA ARG A 56 3.42 9.31 16.36
C ARG A 56 2.24 8.35 16.56
N VAL A 58 -0.10 7.62 14.38
CA VAL A 58 -0.25 6.76 13.20
C VAL A 58 0.62 5.53 13.38
N PHE A 59 1.83 5.70 13.91
CA PHE A 59 2.72 4.56 14.06
C PHE A 59 2.47 3.69 15.26
N THR A 60 1.73 4.16 16.27
CA THR A 60 1.32 3.26 17.33
C THR A 60 0.05 2.52 16.87
N ALA A 61 -0.80 3.19 16.10
CA ALA A 61 -2.05 2.58 15.60
C ALA A 61 -1.83 1.49 14.55
N ASN A 62 -0.69 1.51 13.87
CA ASN A 62 -0.42 0.59 12.77
C ASN A 62 0.94 -0.09 12.86
N GLN A 63 0.99 -1.37 12.49
CA GLN A 63 2.24 -2.13 12.35
C GLN A 63 2.98 -1.74 11.08
N ASP A 64 2.25 -1.29 10.05
CA ASP A 64 2.86 -0.97 8.77
C ASP A 64 1.93 -0.07 8.02
N ILE A 65 2.50 0.81 7.21
CA ILE A 65 1.74 1.70 6.40
C ILE A 65 2.55 2.08 5.15
N LYS A 66 1.85 2.25 4.02
CA LYS A 66 2.46 2.65 2.77
C LYS A 66 1.56 3.64 2.05
N HIS A 67 2.15 4.76 1.59
CA HIS A 67 1.44 5.72 0.81
C HIS A 67 1.98 5.78 -0.61
N TYR A 69 1.33 8.24 -4.19
CA TYR A 69 0.65 9.47 -4.61
C TYR A 69 0.80 9.66 -6.13
N ALA A 70 -0.22 10.28 -6.75
CA ALA A 70 -0.21 10.48 -8.19
C ALA A 70 0.72 11.60 -8.62
N GLY A 71 0.67 12.72 -7.91
CA GLY A 71 1.51 13.88 -8.21
C GLY A 71 0.81 15.17 -7.84
N TRP A 72 1.58 16.09 -7.26
CA TRP A 72 1.03 17.35 -6.79
C TRP A 72 0.82 18.29 -7.96
N VAL A 73 -0.43 18.73 -8.11
CA VAL A 73 -0.84 19.60 -9.20
C VAL A 73 -1.57 20.82 -8.64
N PRO A 74 -1.59 21.91 -9.39
CA PRO A 74 -2.33 23.08 -8.87
C PRO A 74 -3.82 22.78 -8.68
N SER A 75 -4.39 23.31 -7.60
CA SER A 75 -5.83 23.19 -7.35
C SER A 75 -6.60 24.03 -8.37
N GLU A 76 -7.88 23.70 -8.54
CA GLU A 76 -8.77 24.39 -9.47
C GLU A 76 -8.91 25.85 -9.09
N THR A 77 -8.98 26.12 -7.80
CA THR A 77 -9.08 27.49 -7.31
C THR A 77 -8.11 27.62 -6.17
N GLY A 78 -7.77 28.87 -5.85
CA GLY A 78 -6.89 29.15 -4.75
C GLY A 78 -5.44 28.95 -5.11
N ASP A 79 -4.61 29.07 -4.10
CA ASP A 79 -3.18 28.96 -4.23
C ASP A 79 -2.67 27.64 -3.66
N THR A 80 -3.51 26.61 -3.63
CA THR A 80 -3.05 25.35 -3.13
C THR A 80 -2.66 24.37 -4.26
N GLU A 82 -2.52 19.98 -4.93
CA GLU A 82 -3.19 18.79 -4.40
C GLU A 82 -2.72 17.55 -5.10
N THR A 83 -2.88 16.40 -4.43
CA THR A 83 -2.56 15.13 -5.05
C THR A 83 -3.55 14.08 -4.62
N ARG A 84 -3.84 13.16 -5.54
CA ARG A 84 -4.51 11.93 -5.18
C ARG A 84 -3.48 11.04 -4.44
N TRP A 85 -3.98 10.23 -3.51
CA TRP A 85 -3.16 9.26 -2.78
C TRP A 85 -3.94 7.97 -2.58
N ALA A 86 -3.14 6.92 -2.33
CA ALA A 86 -3.58 5.58 -2.06
C ALA A 86 -2.77 5.11 -0.87
N VAL A 87 -3.45 4.53 0.12
CA VAL A 87 -2.77 4.00 1.30
C VAL A 87 -3.19 2.55 1.55
N CYS A 88 -2.22 1.76 1.95
CA CYS A 88 -2.52 0.42 2.48
C CYS A 88 -1.77 0.29 3.77
N GLY A 89 -2.39 -0.43 4.68
CA GLY A 89 -1.79 -0.59 6.01
C GLY A 89 -2.20 -1.86 6.72
N LYS A 90 -1.48 -2.12 7.81
CA LYS A 90 -1.74 -3.23 8.73
C LYS A 90 -1.88 -2.60 10.12
N SER A 91 -3.06 -2.74 10.71
CA SER A 91 -3.34 -2.22 12.01
C SER A 91 -2.48 -2.91 13.07
N ALA A 92 -2.31 -2.26 14.22
CA ALA A 92 -1.71 -2.90 15.39
C ALA A 92 -2.42 -4.28 15.72
N ASP A 93 -3.73 -4.39 15.41
CA ASP A 93 -4.47 -5.60 15.71
C ASP A 93 -4.32 -6.70 14.67
N GLY A 94 -3.50 -6.45 13.64
CA GLY A 94 -3.26 -7.44 12.59
C GLY A 94 -4.10 -7.26 11.32
N SER A 95 -5.26 -6.64 11.44
CA SER A 95 -6.14 -6.45 10.28
C SER A 95 -5.48 -5.52 9.26
N VAL A 96 -5.88 -5.65 7.99
CA VAL A 96 -5.34 -4.79 6.95
C VAL A 96 -6.45 -3.91 6.38
N PHE A 97 -6.04 -2.84 5.71
CA PHE A 97 -6.99 -1.86 5.18
C PHE A 97 -6.37 -1.05 4.05
N THR A 98 -7.25 -0.38 3.31
CA THR A 98 -6.86 0.58 2.31
C THR A 98 -7.68 1.85 2.46
N GLN A 99 -7.20 2.92 1.87
CA GLN A 99 -7.94 4.16 1.80
C GLN A 99 -7.45 4.97 0.57
N ASP A 100 -8.38 5.67 -0.05
CA ASP A 100 -8.11 6.58 -1.18
C ASP A 100 -8.56 7.98 -0.77
N GLY A 101 -7.87 8.96 -1.31
CA GLY A 101 -8.27 10.34 -1.07
C GLY A 101 -7.39 11.37 -1.76
N THR A 102 -7.56 12.60 -1.33
CA THR A 102 -6.81 13.74 -1.86
C THR A 102 -6.20 14.50 -0.67
N ASP A 103 -4.96 14.97 -0.84
CA ASP A 103 -4.35 15.92 0.09
C ASP A 103 -4.32 17.27 -0.62
N ILE A 104 -4.58 18.31 0.14
CA ILE A 104 -4.56 19.70 -0.35
C ILE A 104 -3.56 20.43 0.51
N ALA A 105 -2.54 21.03 -0.08
CA ALA A 105 -1.52 21.72 0.68
C ALA A 105 -1.25 23.14 0.18
N ARG A 106 -0.79 23.96 1.12
CA ARG A 106 -0.33 25.32 0.83
C ARG A 106 1.09 25.42 1.37
N LEU A 107 1.97 26.03 0.60
CA LEU A 107 3.35 26.32 1.02
C LEU A 107 3.42 27.79 1.36
N ASN A 108 4.22 28.13 2.36
CA ASN A 108 4.42 29.55 2.67
C ASN A 108 5.45 30.08 1.69
N ALA A 109 5.76 31.37 1.83
CA ALA A 109 6.69 32.01 0.89
C ALA A 109 8.07 31.38 0.90
N ASP A 110 8.44 30.73 2.01
CA ASP A 110 9.73 30.07 2.16
C ASP A 110 9.74 28.62 1.68
N GLY A 111 8.61 28.12 1.21
CA GLY A 111 8.52 26.76 0.70
C GLY A 111 8.17 25.67 1.71
N LYS A 112 7.86 26.08 2.93
CA LYS A 112 7.48 25.14 4.03
C LYS A 112 6.01 24.88 3.96
N ILE A 113 5.61 23.69 4.42
CA ILE A 113 4.21 23.30 4.39
C ILE A 113 3.51 24.03 5.54
N VAL A 114 2.50 24.84 5.20
CA VAL A 114 1.78 25.66 6.17
C VAL A 114 0.28 25.26 6.30
N TYR A 115 -0.24 24.54 5.32
CA TYR A 115 -1.60 24.02 5.36
C TYR A 115 -1.59 22.62 4.74
N LEU A 116 -2.19 21.64 5.41
CA LEU A 116 -2.29 20.30 4.84
C LEU A 116 -3.60 19.70 5.25
N ALA A 117 -4.51 19.48 4.30
CA ALA A 117 -5.80 18.81 4.57
C ALA A 117 -5.81 17.47 3.94
N ASN A 118 -6.11 16.46 4.74
CA ASN A 118 -6.22 15.08 4.28
C ASN A 118 -7.71 14.81 4.08
N VAL A 119 -8.14 14.44 2.89
CA VAL A 119 -9.55 14.33 2.55
C VAL A 119 -9.82 12.93 1.97
N PRO A 120 -10.14 11.95 2.86
CA PRO A 120 -10.47 10.63 2.34
C PRO A 120 -11.73 10.66 1.45
N ASP A 121 -11.82 9.75 0.51
CA ASP A 121 -12.98 9.71 -0.39
C ASP A 121 -14.30 9.45 0.29
N ASP A 122 -15.38 10.01 -0.29
CA ASP A 122 -16.75 9.85 0.20
C ASP A 122 -17.30 8.51 -0.32
N THR A 123 -16.85 7.43 0.30
CA THR A 123 -17.22 6.08 -0.10
C THR A 123 -18.49 5.57 0.60
N THR B 6 7.07 -20.11 6.15
CA THR B 6 6.14 -20.90 5.28
C THR B 6 5.97 -20.27 3.87
N THR B 7 5.71 -21.07 2.84
CA THR B 7 5.61 -20.50 1.48
C THR B 7 4.56 -19.41 1.36
N LEU B 8 3.40 -19.61 1.98
CA LEU B 8 2.31 -18.65 1.91
C LEU B 8 2.68 -17.33 2.59
N ASP B 9 3.47 -17.42 3.67
CA ASP B 9 3.93 -16.22 4.36
C ASP B 9 5.05 -15.49 3.62
N ARG B 10 5.77 -16.17 2.74
CA ARG B 10 6.80 -15.52 1.94
C ARG B 10 6.24 -14.87 0.67
N TYR B 11 5.04 -15.28 0.28
CA TYR B 11 4.44 -14.88 -0.97
C TYR B 11 4.33 -13.39 -1.23
N PHE B 12 3.65 -12.67 -0.34
CA PHE B 12 3.41 -11.27 -0.64
C PHE B 12 4.65 -10.39 -0.76
N ASP B 13 5.58 -10.56 0.17
CA ASP B 13 6.82 -9.76 0.11
C ASP B 13 7.66 -10.12 -1.12
N LEU B 14 7.73 -11.40 -1.50
CA LEU B 14 8.43 -11.78 -2.70
C LEU B 14 7.73 -11.22 -3.94
N PHE B 15 6.39 -11.20 -3.92
CA PHE B 15 5.67 -10.64 -5.06
C PHE B 15 6.08 -9.18 -5.25
N ASP B 16 6.00 -8.41 -4.18
CA ASP B 16 6.34 -6.98 -4.27
C ASP B 16 7.77 -6.74 -4.69
N ALA B 17 8.69 -7.52 -4.12
CA ALA B 17 10.11 -7.36 -4.44
C ALA B 17 10.45 -7.78 -5.86
N SER B 18 9.68 -8.70 -6.42
CA SER B 18 9.90 -9.22 -7.78
CA SER B 18 10.00 -9.19 -7.77
C SER B 18 9.71 -8.16 -8.87
N ARG B 19 9.08 -7.04 -8.52
CA ARG B 19 8.89 -5.97 -9.49
C ARG B 19 10.25 -5.47 -10.02
N THR B 20 11.23 -5.40 -9.11
CA THR B 20 12.56 -4.89 -9.39
C THR B 20 13.70 -5.90 -9.24
N ASP B 21 13.43 -7.01 -8.57
CA ASP B 21 14.48 -7.94 -8.18
C ASP B 21 14.39 -9.30 -8.85
N GLU B 22 15.43 -9.61 -9.63
CA GLU B 22 15.57 -10.85 -10.40
CA GLU B 22 15.53 -10.86 -10.40
C GLU B 22 15.51 -12.11 -9.53
N LYS B 23 16.30 -12.10 -8.45
CA LYS B 23 16.37 -13.25 -7.53
CA LYS B 23 16.37 -13.25 -7.54
C LYS B 23 15.06 -13.46 -6.80
N ALA B 24 14.42 -12.38 -6.37
CA ALA B 24 13.12 -12.45 -5.70
C ALA B 24 12.08 -13.10 -6.65
N PHE B 25 12.16 -12.76 -7.94
CA PHE B 25 11.26 -13.35 -8.93
C PHE B 25 11.51 -14.84 -8.98
N ASP B 26 12.77 -15.25 -9.01
CA ASP B 26 13.07 -16.67 -9.02
C ASP B 26 12.53 -17.37 -7.79
N ASP B 27 12.70 -16.73 -6.63
CA ASP B 27 12.20 -17.32 -5.39
C ASP B 27 10.66 -17.35 -5.39
N LEU B 28 10.04 -16.30 -5.93
CA LEU B 28 8.59 -16.27 -6.03
C LEU B 28 8.10 -17.47 -6.84
N ILE B 29 8.71 -17.73 -8.00
CA ILE B 29 8.28 -18.86 -8.83
C ILE B 29 8.52 -20.20 -8.12
N SER B 30 9.59 -20.26 -7.32
CA SER B 30 9.93 -21.47 -6.57
CA SER B 30 9.92 -21.46 -6.58
C SER B 30 8.86 -21.87 -5.55
N LEU B 31 8.01 -20.92 -5.14
CA LEU B 31 6.94 -21.23 -4.18
C LEU B 31 5.85 -22.11 -4.76
N PHE B 32 5.77 -22.17 -6.09
CA PHE B 32 4.68 -22.80 -6.82
C PHE B 32 5.00 -24.14 -7.45
N SER B 33 4.00 -25.01 -7.40
CA SER B 33 4.02 -26.24 -8.13
C SER B 33 3.95 -25.87 -9.63
N ASP B 34 4.57 -26.67 -10.49
CA ASP B 34 4.52 -26.40 -11.93
C ASP B 34 3.12 -26.46 -12.49
N GLU B 35 2.26 -27.20 -11.79
CA GLU B 35 0.83 -27.32 -12.15
C GLU B 35 -0.12 -26.46 -11.32
N ILE B 36 0.40 -25.37 -10.78
CA ILE B 36 -0.45 -24.41 -10.09
C ILE B 36 -1.72 -24.09 -10.90
N THR B 37 -2.83 -24.07 -10.19
CA THR B 37 -4.08 -23.55 -10.68
C THR B 37 -4.29 -22.20 -9.99
N PHE B 38 -4.37 -21.12 -10.76
CA PHE B 38 -4.63 -19.81 -10.16
C PHE B 38 -5.89 -19.22 -10.77
N VAL B 39 -6.60 -18.46 -9.95
CA VAL B 39 -7.89 -17.92 -10.35
C VAL B 39 -7.94 -16.42 -10.05
N LEU B 40 -8.40 -15.65 -11.00
CA LEU B 40 -8.44 -14.22 -10.89
C LEU B 40 -9.89 -13.82 -11.12
N ASN B 41 -10.54 -13.38 -10.03
CA ASN B 41 -11.98 -13.08 -10.04
C ASN B 41 -12.77 -14.12 -10.83
N GLY B 42 -12.52 -15.40 -10.55
CA GLY B 42 -13.25 -16.49 -11.14
C GLY B 42 -12.70 -17.12 -12.40
N GLN B 43 -11.83 -16.40 -13.10
CA GLN B 43 -11.20 -16.92 -14.30
C GLN B 43 -9.96 -17.76 -13.94
N GLU B 44 -10.05 -19.03 -14.30
CA GLU B 44 -9.06 -20.01 -13.95
C GLU B 44 -7.93 -20.03 -14.96
N GLN B 45 -6.71 -20.20 -14.46
CA GLN B 45 -5.52 -20.37 -15.30
C GLN B 45 -4.68 -21.52 -14.75
N HIS B 46 -3.86 -22.10 -15.62
CA HIS B 46 -3.05 -23.23 -15.24
C HIS B 46 -1.62 -23.18 -15.71
N GLY B 47 -0.73 -23.55 -14.81
CA GLY B 47 0.66 -23.74 -15.15
C GLY B 47 1.57 -22.58 -14.84
N ILE B 48 2.86 -22.93 -14.70
CA ILE B 48 3.91 -21.94 -14.35
C ILE B 48 4.17 -20.89 -15.45
N ASP B 49 4.07 -21.28 -16.73
CA ASP B 49 4.24 -20.32 -17.84
C ASP B 49 3.19 -19.19 -17.71
N ALA B 50 1.93 -19.58 -17.51
CA ALA B 50 0.82 -18.63 -17.36
C ALA B 50 1.04 -17.73 -16.14
N TRP B 51 1.49 -18.34 -15.03
CA TRP B 51 1.77 -17.61 -13.80
C TRP B 51 2.85 -16.56 -14.01
N LYS B 52 3.97 -16.94 -14.62
CA LYS B 52 5.06 -15.99 -14.89
C LYS B 52 4.56 -14.83 -15.79
N GLN B 53 3.75 -15.16 -16.79
CA GLN B 53 3.18 -14.14 -17.67
C GLN B 53 2.26 -13.18 -16.91
N PHE B 54 1.48 -13.71 -15.98
CA PHE B 54 0.59 -12.90 -15.16
C PHE B 54 1.40 -11.93 -14.24
N VAL B 55 2.39 -12.45 -13.53
CA VAL B 55 3.23 -11.63 -12.62
C VAL B 55 3.92 -10.51 -13.43
N ARG B 56 4.49 -10.89 -14.58
CA ARG B 56 5.19 -9.94 -15.45
C ARG B 56 4.23 -8.85 -15.92
N VAL B 58 1.52 -7.71 -14.30
CA VAL B 58 1.28 -6.82 -13.16
C VAL B 58 2.42 -5.77 -13.06
N PHE B 59 3.65 -6.22 -13.32
CA PHE B 59 4.81 -5.34 -13.19
C PHE B 59 4.96 -4.35 -14.33
N THR B 60 4.53 -4.71 -15.53
CA THR B 60 4.54 -3.79 -16.67
C THR B 60 3.37 -2.79 -16.50
N ALA B 61 2.25 -3.22 -15.91
CA ALA B 61 1.07 -2.38 -15.70
C ALA B 61 1.24 -1.28 -14.62
N ASN B 62 2.16 -1.49 -13.68
CA ASN B 62 2.36 -0.64 -12.52
C ASN B 62 3.80 -0.21 -12.30
N GLN B 63 3.99 1.05 -11.98
CA GLN B 63 5.28 1.63 -11.53
C GLN B 63 5.63 1.15 -10.12
N ASP B 64 4.60 0.84 -9.33
CA ASP B 64 4.82 0.42 -7.93
C ASP B 64 3.62 -0.32 -7.44
N ILE B 65 3.84 -1.26 -6.53
CA ILE B 65 2.76 -2.01 -5.94
C ILE B 65 3.21 -2.53 -4.57
N LYS B 66 2.28 -2.57 -3.62
CA LYS B 66 2.55 -3.00 -2.25
C LYS B 66 1.35 -3.83 -1.81
N HIS B 67 1.65 -4.98 -1.22
CA HIS B 67 0.65 -5.83 -0.64
C HIS B 67 0.86 -5.96 0.86
N TYR B 69 -1.03 -8.19 4.20
CA TYR B 69 -1.97 -9.28 4.44
C TYR B 69 -2.19 -9.49 5.95
N ALA B 70 -3.40 -9.90 6.29
CA ALA B 70 -3.78 -10.08 7.70
C ALA B 70 -3.14 -11.35 8.31
N GLY B 71 -3.23 -12.47 7.60
CA GLY B 71 -2.62 -13.75 8.01
C GLY B 71 -3.43 -14.92 7.48
N TRP B 72 -2.74 -16.00 7.13
CA TRP B 72 -3.38 -17.13 6.54
C TRP B 72 -4.05 -17.94 7.64
N VAL B 73 -5.38 -18.11 7.52
CA VAL B 73 -6.18 -18.86 8.46
C VAL B 73 -6.98 -19.96 7.75
N PRO B 74 -7.42 -20.97 8.49
CA PRO B 74 -8.26 -21.97 7.81
C PRO B 74 -9.54 -21.40 7.20
N SER B 75 -9.88 -21.80 5.98
CA SER B 75 -11.14 -21.34 5.39
C SER B 75 -12.29 -21.95 6.16
N GLU B 76 -13.42 -21.25 6.25
CA GLU B 76 -14.58 -21.77 6.97
C GLU B 76 -15.00 -23.11 6.36
N THR B 77 -15.03 -23.21 5.03
CA THR B 77 -15.37 -24.46 4.36
C THR B 77 -14.19 -24.94 3.50
N GLY B 78 -14.05 -26.25 3.37
CA GLY B 78 -13.01 -26.81 2.52
C GLY B 78 -11.68 -27.09 3.18
N ASP B 79 -10.71 -27.50 2.36
CA ASP B 79 -9.38 -27.87 2.83
C ASP B 79 -8.34 -26.78 2.60
N THR B 80 -8.80 -25.55 2.35
CA THR B 80 -7.90 -24.46 2.04
C THR B 80 -7.63 -23.49 3.21
N GLU B 82 -6.86 -19.19 3.87
CA GLU B 82 -7.14 -17.91 3.22
C GLU B 82 -6.67 -16.74 4.02
N THR B 83 -6.50 -15.60 3.34
CA THR B 83 -6.13 -14.36 4.03
C THR B 83 -6.79 -13.17 3.37
N ARG B 84 -7.11 -12.20 4.20
CA ARG B 84 -7.47 -10.86 3.73
C ARG B 84 -6.19 -10.18 3.29
N TRP B 85 -6.31 -9.33 2.28
CA TRP B 85 -5.19 -8.57 1.77
C TRP B 85 -5.65 -7.18 1.41
N ALA B 86 -4.65 -6.32 1.34
CA ALA B 86 -4.80 -4.91 1.00
C ALA B 86 -3.68 -4.58 0.02
N VAL B 87 -4.05 -3.89 -1.06
CA VAL B 87 -3.11 -3.46 -2.10
C VAL B 87 -3.19 -1.95 -2.34
N CYS B 88 -2.01 -1.36 -2.48
CA CYS B 88 -1.95 -0.03 -2.99
C CYS B 88 -0.93 -0.02 -4.09
N GLY B 89 -1.21 0.78 -5.10
CA GLY B 89 -0.30 0.86 -6.21
C GLY B 89 -0.32 2.16 -7.00
N LYS B 90 0.63 2.24 -7.92
CA LYS B 90 0.76 3.37 -8.82
C LYS B 90 0.88 2.79 -10.22
N SER B 91 -0.06 3.13 -11.09
CA SER B 91 -0.09 2.63 -12.47
C SER B 91 1.07 3.18 -13.26
N ALA B 92 1.37 2.51 -14.37
CA ALA B 92 2.33 3.01 -15.34
C ALA B 92 1.96 4.41 -15.81
N ASP B 93 0.66 4.75 -15.79
CA ASP B 93 0.20 6.06 -16.24
C ASP B 93 0.30 7.14 -15.14
N GLY B 94 0.77 6.76 -13.95
CA GLY B 94 0.98 7.74 -12.86
C GLY B 94 -0.15 7.74 -11.86
N SER B 95 -1.35 7.32 -12.25
CA SER B 95 -2.46 7.30 -11.30
C SER B 95 -2.26 6.29 -10.20
N VAL B 96 -2.97 6.47 -9.07
CA VAL B 96 -2.85 5.56 -7.94
C VAL B 96 -4.18 4.86 -7.65
N PHE B 97 -4.10 3.75 -6.92
CA PHE B 97 -5.26 2.95 -6.61
C PHE B 97 -5.04 2.06 -5.41
N THR B 98 -6.15 1.53 -4.90
CA THR B 98 -6.13 0.51 -3.87
C THR B 98 -7.10 -0.61 -4.25
N GLN B 99 -6.95 -1.74 -3.58
CA GLN B 99 -7.86 -2.87 -3.73
C GLN B 99 -7.83 -3.67 -2.44
N ASP B 100 -8.98 -4.24 -2.10
CA ASP B 100 -9.14 -5.12 -0.94
C ASP B 100 -9.68 -6.44 -1.47
N GLY B 101 -9.33 -7.52 -0.81
CA GLY B 101 -9.87 -8.82 -1.12
C GLY B 101 -9.35 -9.97 -0.26
N THR B 102 -9.67 -11.16 -0.72
CA THR B 102 -9.27 -12.40 -0.11
C THR B 102 -8.52 -13.27 -1.11
N ASP B 103 -7.49 -13.93 -0.62
CA ASP B 103 -6.83 -15.01 -1.39
C ASP B 103 -7.13 -16.35 -0.66
N ILE B 104 -7.34 -17.39 -1.45
CA ILE B 104 -7.64 -18.74 -0.99
C ILE B 104 -6.59 -19.63 -1.59
N ALA B 105 -5.94 -20.47 -0.78
CA ALA B 105 -4.83 -21.28 -1.28
C ALA B 105 -4.80 -22.69 -0.72
N ARG B 106 -4.13 -23.57 -1.46
CA ARG B 106 -3.90 -24.94 -1.03
C ARG B 106 -2.44 -25.26 -1.31
N LEU B 107 -1.82 -25.99 -0.38
CA LEU B 107 -0.45 -26.46 -0.53
C LEU B 107 -0.39 -27.96 -0.78
N ASN B 108 0.65 -28.40 -1.48
CA ASN B 108 0.90 -29.84 -1.62
C ASN B 108 1.73 -30.35 -0.43
N ALA B 109 2.02 -31.65 -0.40
CA ALA B 109 2.78 -32.23 0.70
C ALA B 109 4.19 -31.65 0.84
N ASP B 110 4.74 -31.15 -0.27
CA ASP B 110 6.06 -30.52 -0.28
C ASP B 110 6.00 -29.06 0.19
N GLY B 111 4.80 -28.54 0.45
CA GLY B 111 4.63 -27.18 0.92
C GLY B 111 4.57 -26.15 -0.19
N LYS B 112 4.46 -26.61 -1.44
CA LYS B 112 4.39 -25.71 -2.60
C LYS B 112 2.95 -25.35 -2.90
N ILE B 113 2.75 -24.17 -3.46
CA ILE B 113 1.42 -23.64 -3.74
C ILE B 113 0.86 -24.31 -4.99
N VAL B 114 -0.26 -24.99 -4.82
CA VAL B 114 -0.87 -25.71 -5.93
CA VAL B 114 -0.90 -25.73 -5.91
C VAL B 114 -2.22 -25.10 -6.34
N TYR B 115 -2.79 -24.22 -5.51
CA TYR B 115 -4.02 -23.55 -5.83
C TYR B 115 -3.94 -22.18 -5.19
N LEU B 116 -4.27 -21.15 -5.96
CA LEU B 116 -4.28 -19.77 -5.44
C LEU B 116 -5.37 -18.97 -6.19
N ALA B 117 -6.44 -18.63 -5.47
CA ALA B 117 -7.55 -17.83 -6.00
C ALA B 117 -7.56 -16.48 -5.35
N ASN B 118 -7.69 -15.44 -6.19
CA ASN B 118 -7.74 -14.05 -5.77
C ASN B 118 -9.15 -13.54 -6.06
N VAL B 119 -9.81 -13.09 -4.99
CA VAL B 119 -11.21 -12.63 -4.98
C VAL B 119 -11.27 -11.19 -4.52
N PRO B 120 -11.23 -10.20 -5.44
CA PRO B 120 -11.36 -8.81 -5.01
C PRO B 120 -12.76 -8.53 -4.48
N ASP B 121 -12.83 -7.72 -3.44
CA ASP B 121 -14.11 -7.32 -2.92
C ASP B 121 -14.96 -6.51 -3.93
N ASP B 122 -16.27 -6.58 -3.80
CA ASP B 122 -17.18 -5.64 -4.45
C ASP B 122 -16.75 -4.24 -3.93
N THR B 123 -16.86 -3.20 -4.76
CA THR B 123 -16.41 -1.89 -4.33
C THR B 123 -17.60 -0.99 -3.96
N ALA B 124 -17.31 0.08 -3.22
CA ALA B 124 -18.32 1.02 -2.70
C ALA B 124 -17.88 2.46 -2.88
N PHE B 126 -19.21 4.53 -5.04
CA PHE B 126 -20.40 5.37 -5.23
C PHE B 126 -21.18 5.55 -3.91
N ASN B 127 -21.45 6.80 -3.54
CA ASN B 127 -22.20 7.07 -2.31
C ASN B 127 -23.36 8.07 -2.49
N GLN B 128 -24.46 7.59 -3.07
CA GLN B 128 -25.67 8.44 -3.26
C GLN B 128 -26.88 7.62 -3.69
#